data_2Z8C
#
_entry.id   2Z8C
#
_cell.length_a   71.540
_cell.length_b   71.540
_cell.length_c   133.850
_cell.angle_alpha   90.00
_cell.angle_beta   90.00
_cell.angle_gamma   120.00
#
_symmetry.space_group_name_H-M   'P 32 2 1'
#
loop_
_entity.id
_entity.type
_entity.pdbx_description
1 polymer 'Insulin receptor'
2 polymer '6-mer peptide from Insulin receptor substrate 1'
3 non-polymer '[4-({5-(AMINOCARBONYL)-4-[(3-METHYLPHENYL)AMINO]PYRIMIDIN-2-YL}AMINO)PHENYL]ACETIC ACID'
#
loop_
_entity_poly.entity_id
_entity_poly.type
_entity_poly.pdbx_seq_one_letter_code
_entity_poly.pdbx_strand_id
1 'polypeptide(L)'
;SSVFVPDEWEVSREKITLLRELGQGSFGMVYEGNARDIIKGEAETRVAVKTVNESASLRERIEFLNEASVMKGFTCHHVV
RLLGVVSKGQPTLVVMELMAHGDLKSYLRSLRPEAENNPGRPPPTLQEMIQMAAEIADGMAYLNAKKFVHRDLAARNCMV
AHDFTVKIGDFGMTRDI(PTR)ETD(PTR)(PTR)RKGGKGLLPVRWMAPESLKDGVFTTSSDMWSFGVVLWEITSLAEQ
PYQGLSNEQVLKFVMDGGYLDQPDNCPERVTDLMRMCWQFNPKMRPTFLEIVNLLKDDLHPSFPEVSFFHSEENK
;
A
2 'polypeptide(L)' DYMNMS B
#
# COMPACT_ATOMS: atom_id res chain seq x y z
N PHE A 4 5.54 8.84 -21.82
CA PHE A 4 6.99 8.73 -21.47
C PHE A 4 7.54 10.10 -21.07
N VAL A 5 8.57 10.55 -21.80
CA VAL A 5 9.23 11.85 -21.63
C VAL A 5 10.17 11.99 -20.43
N PRO A 6 11.49 12.00 -20.71
CA PRO A 6 12.63 12.13 -19.76
C PRO A 6 12.51 13.29 -18.78
N ASP A 7 12.84 13.01 -17.53
CA ASP A 7 12.75 13.98 -16.45
C ASP A 7 14.12 14.28 -15.86
N GLU A 8 14.08 14.72 -14.60
CA GLU A 8 15.28 15.04 -13.83
C GLU A 8 15.64 13.70 -13.19
N TRP A 9 14.62 12.85 -13.08
CA TRP A 9 14.74 11.51 -12.52
C TRP A 9 15.37 10.55 -13.49
N GLU A 10 15.52 10.97 -14.74
CA GLU A 10 16.10 10.10 -15.75
C GLU A 10 17.37 9.41 -15.24
N VAL A 11 17.57 8.19 -15.71
CA VAL A 11 18.72 7.38 -15.32
C VAL A 11 19.22 6.63 -16.55
N SER A 12 20.51 6.32 -16.57
CA SER A 12 21.11 5.61 -17.69
C SER A 12 20.91 4.11 -17.51
N ARG A 13 20.29 3.50 -18.51
CA ARG A 13 19.99 2.07 -18.51
C ARG A 13 21.19 1.17 -18.21
N GLU A 14 22.36 1.59 -18.66
CA GLU A 14 23.59 0.83 -18.47
C GLU A 14 23.88 0.54 -17.00
N LYS A 15 23.55 1.50 -16.14
CA LYS A 15 23.78 1.35 -14.71
C LYS A 15 22.86 0.28 -14.11
N ILE A 16 21.81 -0.07 -14.84
CA ILE A 16 20.85 -1.06 -14.34
C ILE A 16 21.05 -2.50 -14.82
N THR A 17 21.09 -3.42 -13.86
CA THR A 17 21.24 -4.84 -14.13
C THR A 17 20.10 -5.56 -13.42
N LEU A 18 19.36 -6.40 -14.13
CA LEU A 18 18.23 -7.13 -13.54
C LEU A 18 18.59 -8.57 -13.16
N LEU A 19 18.34 -8.92 -11.90
CA LEU A 19 18.65 -10.25 -11.38
C LEU A 19 17.56 -11.30 -11.53
N ARG A 20 16.38 -11.03 -10.96
CA ARG A 20 15.29 -11.98 -11.05
C ARG A 20 13.89 -11.36 -10.96
N GLU A 21 12.89 -12.20 -11.17
CA GLU A 21 11.50 -11.77 -11.12
C GLU A 21 10.99 -11.85 -9.67
N LEU A 22 10.57 -10.72 -9.12
CA LEU A 22 10.06 -10.71 -7.76
C LEU A 22 8.59 -11.01 -7.80
N GLY A 23 7.91 -10.54 -8.85
CA GLY A 23 6.49 -10.79 -8.95
C GLY A 23 5.73 -9.94 -9.96
N GLN A 24 4.45 -10.27 -10.12
CA GLN A 24 3.56 -9.56 -11.03
C GLN A 24 2.59 -8.83 -10.12
N GLY A 25 2.36 -7.56 -10.40
CA GLY A 25 1.46 -6.81 -9.55
C GLY A 25 0.20 -6.37 -10.24
N SER A 26 -0.47 -5.39 -9.64
CA SER A 26 -1.71 -4.84 -10.18
C SER A 26 -1.74 -4.67 -11.69
N PHE A 27 -0.58 -4.55 -12.33
CA PHE A 27 -0.54 -4.39 -13.78
C PHE A 27 0.86 -4.43 -14.42
N GLY A 28 1.90 -4.34 -13.61
CA GLY A 28 3.23 -4.36 -14.17
C GLY A 28 3.97 -5.65 -13.93
N MET A 29 5.29 -5.52 -13.83
CA MET A 29 6.19 -6.63 -13.60
C MET A 29 7.25 -6.07 -12.66
N VAL A 30 7.55 -6.79 -11.59
CA VAL A 30 8.56 -6.30 -10.66
C VAL A 30 9.76 -7.25 -10.56
N TYR A 31 10.93 -6.75 -10.97
CA TYR A 31 12.18 -7.51 -10.96
C TYR A 31 13.07 -6.96 -9.87
N GLU A 32 14.00 -7.78 -9.41
CA GLU A 32 14.95 -7.33 -8.41
C GLU A 32 16.22 -7.10 -9.23
N GLY A 33 16.92 -5.99 -8.98
CA GLY A 33 18.14 -5.73 -9.72
C GLY A 33 19.15 -4.96 -8.89
N ASN A 34 20.26 -4.57 -9.51
CA ASN A 34 21.28 -3.78 -8.81
C ASN A 34 21.49 -2.52 -9.60
N ALA A 35 21.33 -1.37 -8.96
CA ALA A 35 21.55 -0.09 -9.62
C ALA A 35 23.02 0.16 -9.41
N ARG A 36 23.60 1.05 -10.21
CA ARG A 36 25.02 1.36 -10.08
C ARG A 36 25.23 2.86 -9.92
N ASP A 37 25.76 3.24 -8.76
CA ASP A 37 25.99 4.65 -8.44
C ASP A 37 24.76 5.46 -8.75
N ILE A 38 23.79 5.37 -7.85
CA ILE A 38 22.52 6.07 -7.98
C ILE A 38 22.24 6.87 -6.70
N ILE A 39 22.89 6.49 -5.61
CA ILE A 39 22.73 7.18 -4.33
C ILE A 39 24.09 7.66 -3.82
N LYS A 40 24.05 8.70 -2.98
CA LYS A 40 25.24 9.28 -2.38
C LYS A 40 25.99 8.30 -1.48
N GLY A 41 27.11 7.80 -1.98
CA GLY A 41 27.89 6.87 -1.19
C GLY A 41 28.20 5.59 -1.95
N GLU A 42 27.25 4.66 -1.90
CA GLU A 42 27.40 3.36 -2.55
C GLU A 42 27.30 3.37 -4.06
N ALA A 43 28.06 2.45 -4.67
CA ALA A 43 28.09 2.30 -6.12
C ALA A 43 27.18 1.16 -6.57
N GLU A 44 26.78 0.32 -5.61
CA GLU A 44 25.92 -0.82 -5.87
C GLU A 44 24.79 -0.82 -4.83
N THR A 45 23.59 -0.47 -5.27
CA THR A 45 22.46 -0.40 -4.36
C THR A 45 21.25 -1.16 -4.91
N ARG A 46 21.25 -2.47 -4.75
CA ARG A 46 20.16 -3.31 -5.25
C ARG A 46 18.80 -2.64 -5.09
N VAL A 47 18.02 -2.62 -6.17
CA VAL A 47 16.71 -2.00 -6.15
C VAL A 47 15.61 -2.82 -6.80
N ALA A 48 14.40 -2.30 -6.73
CA ALA A 48 13.24 -2.94 -7.32
C ALA A 48 12.96 -2.18 -8.61
N VAL A 49 12.64 -2.93 -9.66
CA VAL A 49 12.38 -2.31 -10.95
C VAL A 49 11.00 -2.67 -11.51
N LYS A 50 10.06 -1.73 -11.47
CA LYS A 50 8.73 -2.00 -12.00
C LYS A 50 8.67 -1.56 -13.45
N THR A 51 8.16 -2.43 -14.29
CA THR A 51 8.05 -2.17 -15.73
C THR A 51 6.72 -2.67 -16.27
N VAL A 52 6.37 -2.20 -17.45
CA VAL A 52 5.14 -2.61 -18.10
C VAL A 52 5.50 -2.98 -19.53
N ASN A 53 4.72 -3.82 -20.18
CA ASN A 53 5.01 -4.21 -21.55
C ASN A 53 4.65 -3.11 -22.55
N GLU A 54 5.58 -2.81 -23.46
CA GLU A 54 5.33 -1.80 -24.49
C GLU A 54 4.49 -2.51 -25.55
N SER A 55 3.82 -3.57 -25.08
CA SER A 55 2.96 -4.42 -25.87
C SER A 55 1.77 -4.69 -24.96
N ALA A 56 1.44 -3.68 -24.16
CA ALA A 56 0.33 -3.75 -23.20
C ALA A 56 -0.68 -2.64 -23.50
N SER A 57 -1.91 -2.83 -23.04
CA SER A 57 -2.98 -1.87 -23.29
C SER A 57 -2.63 -0.44 -22.91
N LEU A 58 -2.91 0.48 -23.84
CA LEU A 58 -2.65 1.90 -23.63
C LEU A 58 -3.19 2.40 -22.29
N ARG A 59 -4.35 1.90 -21.86
CA ARG A 59 -4.93 2.33 -20.58
C ARG A 59 -3.96 1.93 -19.48
N GLU A 60 -3.46 0.71 -19.61
CA GLU A 60 -2.53 0.17 -18.64
C GLU A 60 -1.29 1.03 -18.67
N ARG A 61 -0.69 1.14 -19.85
CA ARG A 61 0.52 1.93 -20.00
C ARG A 61 0.37 3.28 -19.31
N ILE A 62 -0.78 3.92 -19.48
CA ILE A 62 -1.02 5.20 -18.86
C ILE A 62 -1.09 5.06 -17.36
N GLU A 63 -1.79 4.03 -16.89
CA GLU A 63 -1.89 3.80 -15.45
C GLU A 63 -0.48 3.76 -14.84
N PHE A 64 0.47 3.25 -15.64
CA PHE A 64 1.87 3.12 -15.25
C PHE A 64 2.53 4.49 -15.17
N LEU A 65 2.43 5.27 -16.23
CA LEU A 65 3.00 6.60 -16.26
C LEU A 65 2.57 7.34 -15.01
N ASN A 66 1.29 7.20 -14.68
CA ASN A 66 0.74 7.85 -13.52
C ASN A 66 1.40 7.43 -12.21
N GLU A 67 1.66 6.13 -12.07
CA GLU A 67 2.28 5.59 -10.86
C GLU A 67 3.65 6.21 -10.58
N ALA A 68 4.46 6.37 -11.62
CA ALA A 68 5.78 6.98 -11.46
C ALA A 68 5.56 8.43 -11.10
N SER A 69 4.74 9.10 -11.91
CA SER A 69 4.41 10.50 -11.72
C SER A 69 4.22 10.87 -10.27
N VAL A 70 3.15 10.36 -9.67
CA VAL A 70 2.85 10.65 -8.27
C VAL A 70 3.87 10.15 -7.24
N MET A 71 4.93 9.50 -7.69
CA MET A 71 5.94 9.01 -6.77
C MET A 71 7.08 10.02 -6.67
N LYS A 72 7.22 10.82 -7.73
CA LYS A 72 8.29 11.81 -7.78
C LYS A 72 8.21 12.78 -6.61
N GLY A 73 7.02 12.92 -6.04
CA GLY A 73 6.89 13.74 -4.85
C GLY A 73 7.02 12.64 -3.81
N PHE A 74 6.11 12.60 -2.86
CA PHE A 74 6.13 11.53 -1.87
C PHE A 74 7.46 11.30 -1.16
N THR A 75 7.88 12.24 -0.33
CA THR A 75 9.11 12.07 0.41
C THR A 75 8.67 11.84 1.85
N CYS A 76 8.48 10.58 2.22
CA CYS A 76 8.01 10.20 3.56
C CYS A 76 8.54 8.85 4.01
N HIS A 77 9.09 8.82 5.22
CA HIS A 77 9.66 7.58 5.74
C HIS A 77 8.79 6.36 5.48
N HIS A 78 7.49 6.54 5.57
CA HIS A 78 6.54 5.43 5.39
C HIS A 78 5.91 5.35 4.00
N VAL A 79 6.74 5.56 2.99
CA VAL A 79 6.32 5.50 1.60
C VAL A 79 7.59 5.03 0.90
N VAL A 80 7.52 3.97 0.11
CA VAL A 80 8.71 3.50 -0.56
C VAL A 80 9.17 4.61 -1.47
N ARG A 81 10.48 4.80 -1.51
CA ARG A 81 11.05 5.87 -2.29
C ARG A 81 11.26 5.57 -3.76
N LEU A 82 10.85 6.52 -4.60
CA LEU A 82 11.03 6.40 -6.03
C LEU A 82 12.52 6.65 -6.14
N LEU A 83 13.21 6.00 -7.07
CA LEU A 83 14.65 6.20 -7.16
C LEU A 83 15.19 6.66 -8.50
N GLY A 84 14.34 6.72 -9.51
CA GLY A 84 14.82 7.13 -10.81
C GLY A 84 14.10 6.39 -11.91
N VAL A 85 13.97 7.04 -13.05
CA VAL A 85 13.31 6.41 -14.18
C VAL A 85 14.27 6.17 -15.33
N VAL A 86 13.83 5.39 -16.30
CA VAL A 86 14.64 5.10 -17.48
C VAL A 86 13.65 5.08 -18.62
N SER A 87 13.36 6.28 -19.12
CA SER A 87 12.42 6.49 -20.21
C SER A 87 13.11 6.29 -21.56
N LYS A 88 14.41 6.46 -21.57
CA LYS A 88 15.17 6.30 -22.80
C LYS A 88 14.97 4.93 -23.44
N GLY A 89 14.22 4.90 -24.54
CA GLY A 89 14.04 3.66 -25.27
C GLY A 89 13.13 2.55 -24.77
N GLN A 90 13.60 1.32 -24.91
CA GLN A 90 12.82 0.17 -24.51
C GLN A 90 13.56 -0.84 -23.65
N PRO A 91 12.93 -1.26 -22.55
CA PRO A 91 11.60 -0.75 -22.22
C PRO A 91 11.69 0.29 -21.09
N THR A 92 10.61 1.00 -20.83
CA THR A 92 10.61 2.00 -19.76
C THR A 92 10.82 1.29 -18.42
N LEU A 93 11.72 1.81 -17.57
CA LEU A 93 12.01 1.20 -16.27
C LEU A 93 11.93 2.14 -15.05
N VAL A 94 10.99 1.90 -14.16
CA VAL A 94 10.86 2.70 -12.95
C VAL A 94 11.57 1.96 -11.80
N VAL A 95 12.59 2.57 -11.21
CA VAL A 95 13.28 1.89 -10.11
C VAL A 95 12.81 2.46 -8.78
N MET A 96 12.98 1.69 -7.72
CA MET A 96 12.57 2.13 -6.39
C MET A 96 13.24 1.28 -5.32
N GLU A 97 13.29 1.82 -4.11
CA GLU A 97 13.94 1.11 -3.01
C GLU A 97 13.41 -0.29 -2.70
N LEU A 98 14.26 -1.27 -2.89
CA LEU A 98 13.91 -2.66 -2.62
C LEU A 98 13.61 -2.82 -1.13
N MET A 99 12.53 -3.52 -0.83
CA MET A 99 12.16 -3.77 0.55
C MET A 99 12.49 -5.24 0.84
N ALA A 100 13.62 -5.42 1.50
CA ALA A 100 14.15 -6.73 1.88
C ALA A 100 13.19 -7.85 2.23
N HIS A 101 12.05 -7.51 2.82
CA HIS A 101 11.11 -8.56 3.21
C HIS A 101 9.81 -8.66 2.42
N GLY A 102 9.84 -8.22 1.17
CA GLY A 102 8.65 -8.33 0.33
C GLY A 102 7.38 -7.62 0.75
N ASP A 103 6.23 -8.09 0.27
CA ASP A 103 4.96 -7.47 0.63
C ASP A 103 4.59 -7.86 2.06
N LEU A 104 3.66 -7.13 2.63
CA LEU A 104 3.21 -7.39 3.98
C LEU A 104 2.41 -8.68 4.06
N LYS A 105 1.52 -8.87 3.08
CA LYS A 105 0.68 -10.06 3.02
C LYS A 105 1.56 -11.29 3.12
N SER A 106 2.40 -11.46 2.10
CA SER A 106 3.30 -12.59 2.04
C SER A 106 4.10 -12.72 3.32
N TYR A 107 4.61 -11.59 3.82
CA TYR A 107 5.39 -11.60 5.06
C TYR A 107 4.58 -12.07 6.26
N LEU A 108 3.33 -11.63 6.32
CA LEU A 108 2.48 -12.03 7.41
C LEU A 108 2.30 -13.53 7.41
N ARG A 109 1.85 -14.10 6.31
CA ARG A 109 1.64 -15.54 6.26
C ARG A 109 2.89 -16.32 6.70
N SER A 110 4.06 -15.87 6.28
CA SER A 110 5.28 -16.58 6.62
C SER A 110 5.51 -16.70 8.12
N LEU A 111 4.61 -16.17 8.94
CA LEU A 111 4.80 -16.24 10.37
C LEU A 111 3.89 -17.24 11.09
N ARG A 112 2.96 -17.83 10.37
CA ARG A 112 2.07 -18.80 10.97
C ARG A 112 2.91 -19.98 11.44
N PRO A 113 2.78 -20.37 12.72
CA PRO A 113 3.50 -21.47 13.36
C PRO A 113 3.79 -22.62 12.39
N GLU A 114 2.81 -22.88 11.54
CA GLU A 114 2.86 -23.92 10.51
C GLU A 114 3.94 -23.54 9.50
N ALA A 115 3.58 -22.59 8.64
CA ALA A 115 4.45 -22.01 7.60
C ALA A 115 5.69 -22.77 7.16
N GLU A 116 5.69 -23.15 5.89
CA GLU A 116 6.84 -23.85 5.31
C GLU A 116 8.03 -22.91 5.28
N ASN A 117 7.76 -21.62 5.09
CA ASN A 117 8.81 -20.58 5.02
C ASN A 117 9.00 -19.72 6.28
N ASN A 118 8.48 -20.20 7.40
CA ASN A 118 8.57 -19.47 8.67
C ASN A 118 10.02 -19.19 9.09
N PRO A 119 10.38 -17.91 9.23
CA PRO A 119 11.70 -17.38 9.62
C PRO A 119 12.23 -17.68 11.02
N GLY A 120 11.55 -18.55 11.74
CA GLY A 120 12.02 -18.90 13.07
C GLY A 120 11.67 -17.92 14.20
N ARG A 121 10.58 -17.21 14.04
CA ARG A 121 10.15 -16.30 15.08
C ARG A 121 8.64 -16.37 15.19
N PRO A 122 8.09 -15.94 16.33
CA PRO A 122 6.65 -15.96 16.56
C PRO A 122 5.82 -14.90 15.86
N PRO A 123 4.52 -15.18 15.67
CA PRO A 123 3.67 -14.20 15.01
C PRO A 123 3.82 -12.94 15.84
N PRO A 124 3.72 -11.78 15.19
CA PRO A 124 3.85 -10.46 15.80
C PRO A 124 3.15 -10.26 17.14
N THR A 125 3.90 -9.72 18.09
CA THR A 125 3.35 -9.42 19.40
C THR A 125 2.41 -8.26 19.21
N LEU A 126 1.57 -7.99 20.21
CA LEU A 126 0.64 -6.87 20.13
C LEU A 126 1.42 -5.57 19.95
N GLN A 127 2.60 -5.50 20.57
CA GLN A 127 3.43 -4.31 20.45
C GLN A 127 3.68 -4.08 18.98
N GLU A 128 4.16 -5.14 18.32
CA GLU A 128 4.48 -5.12 16.89
C GLU A 128 3.36 -4.67 15.97
N MET A 129 2.15 -5.15 16.23
CA MET A 129 1.02 -4.77 15.40
C MET A 129 0.80 -3.26 15.43
N ILE A 130 0.74 -2.68 16.62
CA ILE A 130 0.53 -1.23 16.78
C ILE A 130 1.50 -0.41 15.93
N GLN A 131 2.76 -0.82 15.97
CA GLN A 131 3.81 -0.16 15.24
C GLN A 131 3.40 -0.13 13.76
N MET A 132 3.19 -1.30 13.18
CA MET A 132 2.81 -1.40 11.77
C MET A 132 1.63 -0.46 11.51
N ALA A 133 0.51 -0.75 12.16
CA ALA A 133 -0.68 0.05 11.99
C ALA A 133 -0.36 1.52 11.92
N ALA A 134 0.57 1.94 12.78
CA ALA A 134 0.94 3.36 12.84
C ALA A 134 1.72 3.86 11.65
N GLU A 135 2.79 3.17 11.28
CA GLU A 135 3.54 3.64 10.13
C GLU A 135 2.66 3.58 8.89
N ILE A 136 1.80 2.58 8.80
CA ILE A 136 0.93 2.44 7.64
C ILE A 136 0.02 3.65 7.59
N ALA A 137 -0.60 3.95 8.74
CA ALA A 137 -1.51 5.09 8.89
C ALA A 137 -0.74 6.38 8.69
N ASP A 138 0.38 6.52 9.37
CA ASP A 138 1.16 7.72 9.22
C ASP A 138 1.28 8.01 7.74
N GLY A 139 1.74 7.01 6.99
CA GLY A 139 1.94 7.13 5.55
C GLY A 139 0.70 7.49 4.74
N MET A 140 -0.46 6.95 5.14
CA MET A 140 -1.72 7.25 4.45
C MET A 140 -2.11 8.70 4.76
N ALA A 141 -1.66 9.17 5.93
CA ALA A 141 -1.91 10.54 6.35
C ALA A 141 -1.10 11.44 5.42
N TYR A 142 0.20 11.15 5.30
CA TYR A 142 1.08 11.90 4.43
C TYR A 142 0.46 12.01 3.05
N LEU A 143 -0.21 10.94 2.64
CA LEU A 143 -0.88 10.87 1.33
C LEU A 143 -1.99 11.90 1.19
N ASN A 144 -3.03 11.76 2.02
CA ASN A 144 -4.14 12.68 1.96
C ASN A 144 -3.63 14.11 2.10
N ALA A 145 -2.51 14.26 2.81
CA ALA A 145 -1.89 15.56 3.01
C ALA A 145 -1.54 16.18 1.65
N LYS A 146 -0.78 15.46 0.84
CA LYS A 146 -0.41 15.96 -0.47
C LYS A 146 -1.62 15.87 -1.40
N LYS A 147 -2.79 15.65 -0.79
CA LYS A 147 -4.07 15.55 -1.50
C LYS A 147 -4.15 14.40 -2.52
N PHE A 148 -4.26 13.18 -1.99
CA PHE A 148 -4.36 11.96 -2.79
C PHE A 148 -5.19 10.86 -2.12
N VAL A 149 -5.93 10.11 -2.93
CA VAL A 149 -6.68 8.98 -2.43
C VAL A 149 -5.86 7.80 -2.96
N HIS A 150 -5.68 6.76 -2.16
CA HIS A 150 -4.87 5.63 -2.60
C HIS A 150 -5.67 4.59 -3.34
N ARG A 151 -6.95 4.49 -3.00
CA ARG A 151 -7.87 3.57 -3.64
C ARG A 151 -7.46 2.09 -3.70
N ASP A 152 -6.46 1.68 -2.93
CA ASP A 152 -6.08 0.28 -2.97
C ASP A 152 -5.08 -0.06 -1.87
N LEU A 153 -5.48 0.30 -0.64
CA LEU A 153 -4.67 0.05 0.53
C LEU A 153 -4.95 -1.36 1.02
N ALA A 154 -3.94 -2.20 0.98
CA ALA A 154 -4.09 -3.58 1.41
C ALA A 154 -2.73 -4.23 1.62
N ALA A 155 -2.66 -5.11 2.62
CA ALA A 155 -1.44 -5.80 2.97
C ALA A 155 -0.43 -6.05 1.85
N ARG A 156 -0.89 -6.60 0.72
CA ARG A 156 -0.02 -6.89 -0.44
C ARG A 156 0.72 -5.67 -0.97
N ASN A 157 0.09 -4.51 -0.84
CA ASN A 157 0.68 -3.27 -1.32
C ASN A 157 1.47 -2.52 -0.28
N CYS A 158 1.78 -3.22 0.80
CA CYS A 158 2.58 -2.67 1.88
C CYS A 158 3.86 -3.48 1.89
N MET A 159 5.00 -2.81 1.90
CA MET A 159 6.25 -3.53 1.90
C MET A 159 6.93 -3.43 3.26
N VAL A 160 7.70 -4.45 3.61
CA VAL A 160 8.42 -4.45 4.87
C VAL A 160 9.88 -4.17 4.54
N ALA A 161 10.46 -3.20 5.21
CA ALA A 161 11.87 -2.90 4.98
C ALA A 161 12.67 -3.92 5.80
N HIS A 162 13.98 -3.76 5.87
CA HIS A 162 14.83 -4.69 6.62
C HIS A 162 14.65 -4.55 8.12
N ASP A 163 14.38 -3.33 8.57
CA ASP A 163 14.19 -3.09 9.99
C ASP A 163 12.74 -3.38 10.33
N PHE A 164 12.13 -4.22 9.51
CA PHE A 164 10.74 -4.60 9.69
C PHE A 164 9.81 -3.38 9.76
N THR A 165 10.23 -2.30 9.11
CA THR A 165 9.42 -1.10 9.06
C THR A 165 8.44 -1.28 7.92
N VAL A 166 7.26 -0.72 8.06
CA VAL A 166 6.29 -0.87 6.99
C VAL A 166 6.12 0.42 6.21
N LYS A 167 6.02 0.31 4.89
CA LYS A 167 5.84 1.48 4.01
C LYS A 167 4.77 1.21 2.93
N ILE A 168 4.07 2.26 2.50
CA ILE A 168 3.05 2.12 1.48
C ILE A 168 3.73 1.94 0.14
N GLY A 169 3.28 0.94 -0.61
CA GLY A 169 3.82 0.65 -1.94
C GLY A 169 2.69 0.61 -2.95
N ASP A 170 3.01 0.37 -4.21
CA ASP A 170 2.00 0.27 -5.26
C ASP A 170 0.95 1.38 -5.24
N PHE A 171 1.11 2.37 -6.13
CA PHE A 171 0.19 3.50 -6.21
C PHE A 171 -0.58 3.48 -7.52
N GLY A 172 -0.85 2.28 -8.04
CA GLY A 172 -1.56 2.17 -9.29
C GLY A 172 -2.92 2.86 -9.32
N MET A 173 -3.65 2.85 -8.22
CA MET A 173 -4.97 3.47 -8.18
C MET A 173 -5.03 4.86 -7.55
N THR A 174 -3.89 5.32 -7.05
CA THR A 174 -3.79 6.62 -6.38
C THR A 174 -4.18 7.77 -7.29
N ARG A 175 -4.95 8.73 -6.77
CA ARG A 175 -5.43 9.85 -7.56
C ARG A 175 -5.25 11.24 -6.94
N ASP A 176 -5.16 12.25 -7.79
CA ASP A 176 -4.98 13.65 -7.36
C ASP A 176 -6.35 14.23 -6.98
N ILE A 177 -6.39 15.09 -5.95
CA ILE A 177 -7.68 15.61 -5.51
C ILE A 177 -8.04 17.08 -5.18
N GLU A 179 -9.87 20.25 -6.33
CA GLU A 179 -11.00 20.25 -7.23
C GLU A 179 -11.82 18.98 -6.97
N THR A 180 -11.74 18.09 -7.95
CA THR A 180 -12.44 16.80 -7.93
C THR A 180 -12.67 16.32 -6.50
N ASP A 181 -11.65 15.70 -5.93
CA ASP A 181 -11.73 15.15 -4.59
C ASP A 181 -12.69 13.92 -4.65
N ARG A 184 -16.64 9.85 -9.50
CA ARG A 184 -18.01 9.49 -9.22
C ARG A 184 -17.83 8.15 -9.94
N LYS A 185 -16.57 7.69 -9.87
CA LYS A 185 -16.03 6.47 -10.47
C LYS A 185 -15.73 6.66 -11.94
N GLY A 186 -16.31 5.81 -12.80
CA GLY A 186 -16.08 5.91 -14.24
C GLY A 186 -16.53 4.66 -14.98
N GLY A 187 -16.31 3.50 -14.37
CA GLY A 187 -16.72 2.24 -14.98
C GLY A 187 -15.68 1.56 -15.84
N LYS A 188 -15.79 0.23 -15.91
CA LYS A 188 -14.90 -0.61 -16.72
C LYS A 188 -13.47 -0.70 -16.18
N GLY A 189 -13.30 -1.32 -15.01
CA GLY A 189 -11.98 -1.44 -14.44
C GLY A 189 -11.83 -2.41 -13.29
N LEU A 190 -10.63 -2.95 -13.15
CA LEU A 190 -10.33 -3.90 -12.08
C LEU A 190 -10.42 -3.20 -10.72
N LEU A 191 -11.20 -3.76 -9.80
CA LEU A 191 -11.34 -3.20 -8.46
C LEU A 191 -11.26 -4.26 -7.36
N PRO A 192 -10.74 -3.88 -6.17
CA PRO A 192 -10.57 -4.72 -4.98
C PRO A 192 -11.80 -4.58 -4.07
N VAL A 193 -12.83 -5.38 -4.34
CA VAL A 193 -14.07 -5.33 -3.59
C VAL A 193 -13.90 -5.60 -2.10
N ARG A 194 -13.12 -6.63 -1.77
CA ARG A 194 -12.92 -6.98 -0.37
C ARG A 194 -12.34 -5.84 0.47
N TRP A 195 -11.82 -4.81 -0.19
CA TRP A 195 -11.22 -3.70 0.53
C TRP A 195 -11.83 -2.34 0.36
N MET A 196 -12.81 -2.20 -0.52
CA MET A 196 -13.41 -0.90 -0.69
C MET A 196 -14.66 -0.69 0.13
N ALA A 197 -14.90 0.57 0.49
CA ALA A 197 -16.05 0.95 1.29
C ALA A 197 -17.36 0.77 0.51
N PRO A 198 -18.48 0.69 1.24
CA PRO A 198 -19.78 0.52 0.60
C PRO A 198 -20.15 1.62 -0.40
N GLU A 199 -19.90 2.88 -0.06
CA GLU A 199 -20.28 3.92 -1.02
C GLU A 199 -19.67 3.64 -2.38
N SER A 200 -18.34 3.66 -2.48
CA SER A 200 -17.69 3.41 -3.76
C SER A 200 -18.21 2.13 -4.43
N LEU A 201 -18.73 1.19 -3.65
CA LEU A 201 -19.25 -0.04 -4.25
C LEU A 201 -20.52 0.23 -5.04
N LYS A 202 -21.27 1.27 -4.65
CA LYS A 202 -22.47 1.65 -5.39
C LYS A 202 -22.01 2.92 -6.04
N ASP A 203 -22.23 4.03 -5.35
CA ASP A 203 -21.81 5.31 -5.88
C ASP A 203 -20.27 5.34 -5.93
N GLY A 204 -19.69 4.91 -7.05
CA GLY A 204 -18.24 4.92 -7.19
C GLY A 204 -17.71 6.26 -6.71
N VAL A 205 -16.69 6.26 -5.87
CA VAL A 205 -16.18 7.52 -5.37
C VAL A 205 -14.74 7.54 -4.88
N PHE A 206 -14.51 6.92 -3.72
CA PHE A 206 -13.19 6.87 -3.12
C PHE A 206 -12.78 8.19 -2.48
N THR A 207 -12.59 8.14 -1.16
CA THR A 207 -12.17 9.32 -0.42
C THR A 207 -11.27 8.88 0.72
N THR A 208 -10.84 9.86 1.50
CA THR A 208 -9.97 9.60 2.63
C THR A 208 -10.67 8.59 3.51
N SER A 209 -11.93 8.84 3.76
CA SER A 209 -12.72 7.94 4.58
C SER A 209 -12.79 6.58 3.90
N SER A 210 -12.68 6.57 2.58
CA SER A 210 -12.71 5.32 1.82
C SER A 210 -11.47 4.49 2.05
N ASP A 211 -10.31 5.14 1.99
CA ASP A 211 -9.05 4.44 2.21
C ASP A 211 -9.06 4.01 3.67
N MET A 212 -9.74 4.79 4.50
CA MET A 212 -9.83 4.48 5.92
C MET A 212 -10.54 3.15 6.09
N TRP A 213 -11.49 2.87 5.22
CA TRP A 213 -12.19 1.61 5.29
C TRP A 213 -11.20 0.53 4.89
N SER A 214 -10.46 0.80 3.82
CA SER A 214 -9.46 -0.13 3.34
C SER A 214 -8.46 -0.38 4.44
N PHE A 215 -8.24 0.65 5.24
CA PHE A 215 -7.29 0.57 6.34
C PHE A 215 -7.67 -0.41 7.45
N GLY A 216 -8.95 -0.49 7.75
CA GLY A 216 -9.37 -1.40 8.79
C GLY A 216 -9.19 -2.81 8.31
N VAL A 217 -9.32 -3.00 7.01
CA VAL A 217 -9.18 -4.33 6.45
C VAL A 217 -7.73 -4.80 6.49
N VAL A 218 -6.81 -3.85 6.52
CA VAL A 218 -5.40 -4.18 6.57
C VAL A 218 -5.13 -4.64 7.99
N LEU A 219 -5.87 -4.07 8.94
CA LEU A 219 -5.70 -4.45 10.33
C LEU A 219 -6.28 -5.84 10.47
N TRP A 220 -7.41 -6.05 9.80
CA TRP A 220 -8.05 -7.35 9.82
C TRP A 220 -7.09 -8.34 9.23
N GLU A 221 -6.43 -7.92 8.16
CA GLU A 221 -5.46 -8.76 7.48
C GLU A 221 -4.34 -9.06 8.46
N ILE A 222 -3.82 -8.01 9.09
CA ILE A 222 -2.72 -8.16 10.06
C ILE A 222 -3.02 -9.15 11.19
N THR A 223 -4.20 -8.96 11.77
CA THR A 223 -4.67 -9.79 12.87
C THR A 223 -4.99 -11.22 12.46
N SER A 224 -5.69 -11.38 11.34
CA SER A 224 -6.08 -12.69 10.85
C SER A 224 -4.88 -13.42 10.24
N LEU A 225 -3.73 -12.73 10.26
CA LEU A 225 -2.49 -13.26 9.71
C LEU A 225 -2.59 -13.52 8.22
N ALA A 226 -3.25 -12.60 7.53
CA ALA A 226 -3.42 -12.68 6.09
C ALA A 226 -4.36 -13.79 5.64
N GLU A 227 -5.51 -13.87 6.29
CA GLU A 227 -6.54 -14.81 5.90
C GLU A 227 -7.18 -14.00 4.79
N GLN A 228 -7.93 -14.61 3.88
CA GLN A 228 -8.53 -13.78 2.86
C GLN A 228 -9.81 -13.10 3.32
N PRO A 229 -9.81 -11.75 3.34
CA PRO A 229 -11.01 -11.01 3.77
C PRO A 229 -12.28 -11.49 3.08
N TYR A 230 -13.28 -11.82 3.89
CA TYR A 230 -14.55 -12.29 3.36
C TYR A 230 -14.32 -13.59 2.61
N GLN A 231 -13.55 -14.50 3.19
CA GLN A 231 -13.30 -15.79 2.56
C GLN A 231 -14.64 -16.48 2.42
N GLY A 232 -14.68 -17.63 1.75
CA GLY A 232 -15.93 -18.33 1.57
C GLY A 232 -16.95 -17.66 0.66
N LEU A 233 -16.89 -16.34 0.52
CA LEU A 233 -17.83 -15.64 -0.33
C LEU A 233 -17.26 -15.29 -1.70
N SER A 234 -18.16 -15.17 -2.67
CA SER A 234 -17.81 -14.83 -4.05
C SER A 234 -17.78 -13.31 -4.08
N ASN A 235 -17.10 -12.76 -5.09
CA ASN A 235 -17.01 -11.32 -5.21
C ASN A 235 -18.37 -10.67 -5.45
N GLU A 236 -19.33 -11.42 -5.99
CA GLU A 236 -20.65 -10.87 -6.23
C GLU A 236 -21.39 -10.84 -4.89
N GLN A 237 -21.17 -11.89 -4.11
CA GLN A 237 -21.79 -12.03 -2.79
C GLN A 237 -21.30 -10.93 -1.85
N VAL A 238 -19.98 -10.82 -1.68
CA VAL A 238 -19.43 -9.80 -0.82
C VAL A 238 -19.91 -8.43 -1.31
N LEU A 239 -19.97 -8.29 -2.62
CA LEU A 239 -20.41 -7.05 -3.23
C LEU A 239 -21.76 -6.63 -2.63
N LYS A 240 -22.73 -7.55 -2.72
CA LYS A 240 -24.08 -7.35 -2.19
C LYS A 240 -24.06 -7.05 -0.69
N PHE A 241 -23.28 -7.85 0.03
CA PHE A 241 -23.15 -7.77 1.48
C PHE A 241 -22.70 -6.44 2.10
N VAL A 242 -21.45 -6.07 1.84
CA VAL A 242 -20.87 -4.83 2.37
C VAL A 242 -21.66 -3.59 1.93
N MET A 243 -22.40 -3.75 0.84
CA MET A 243 -23.22 -2.68 0.28
C MET A 243 -24.52 -2.65 1.09
N ASP A 244 -25.04 -3.83 1.37
CA ASP A 244 -26.27 -4.04 2.14
C ASP A 244 -26.15 -3.38 3.51
N GLY A 245 -24.99 -3.58 4.15
CA GLY A 245 -24.77 -2.97 5.46
C GLY A 245 -23.88 -3.82 6.35
N GLY A 246 -23.31 -4.88 5.78
CA GLY A 246 -22.45 -5.76 6.54
C GLY A 246 -21.00 -5.33 6.62
N TYR A 247 -20.23 -6.03 7.46
CA TYR A 247 -18.81 -5.75 7.66
C TYR A 247 -18.08 -7.06 7.95
N LEU A 248 -16.75 -7.00 7.93
CA LEU A 248 -15.95 -8.19 8.18
C LEU A 248 -16.10 -8.64 9.63
N ASP A 249 -15.65 -9.84 9.95
CA ASP A 249 -15.79 -10.35 11.31
C ASP A 249 -14.77 -9.86 12.33
N GLN A 250 -14.10 -10.79 12.99
CA GLN A 250 -13.12 -10.43 14.02
C GLN A 250 -12.30 -11.66 14.36
N PRO A 251 -10.98 -11.63 14.10
CA PRO A 251 -10.13 -12.79 14.39
C PRO A 251 -10.16 -13.17 15.84
N ASP A 252 -10.13 -14.48 16.10
CA ASP A 252 -10.16 -14.97 17.47
C ASP A 252 -8.85 -14.59 18.13
N ASN A 253 -8.87 -14.47 19.46
CA ASN A 253 -7.69 -14.10 20.23
C ASN A 253 -7.17 -12.74 19.77
N CYS A 254 -7.99 -12.03 19.01
CA CYS A 254 -7.62 -10.72 18.52
C CYS A 254 -7.71 -9.73 19.65
N PRO A 255 -6.67 -8.90 19.83
CA PRO A 255 -6.64 -7.90 20.89
C PRO A 255 -7.86 -7.00 20.78
N GLU A 256 -8.15 -6.29 21.87
CA GLU A 256 -9.30 -5.43 21.92
C GLU A 256 -9.06 -4.01 21.46
N ARG A 257 -7.85 -3.50 21.62
CA ARG A 257 -7.55 -2.14 21.19
C ARG A 257 -7.73 -2.03 19.67
N VAL A 258 -7.22 -3.02 18.95
CA VAL A 258 -7.33 -3.04 17.50
C VAL A 258 -8.78 -3.17 17.07
N THR A 259 -9.49 -4.16 17.61
CA THR A 259 -10.89 -4.36 17.27
C THR A 259 -11.65 -3.04 17.34
N ASP A 260 -11.31 -2.25 18.35
CA ASP A 260 -11.96 -0.97 18.55
C ASP A 260 -11.69 -0.07 17.34
N LEU A 261 -10.48 -0.14 16.80
CA LEU A 261 -10.09 0.65 15.63
C LEU A 261 -10.89 0.24 14.40
N MET A 262 -10.91 -1.06 14.14
CA MET A 262 -11.64 -1.62 13.00
C MET A 262 -13.05 -1.07 12.92
N ARG A 263 -13.74 -1.13 14.06
CA ARG A 263 -15.12 -0.66 14.18
C ARG A 263 -15.24 0.79 13.70
N MET A 264 -14.36 1.65 14.21
CA MET A 264 -14.36 3.07 13.85
C MET A 264 -14.13 3.31 12.37
N CYS A 265 -13.57 2.32 11.69
CA CYS A 265 -13.29 2.44 10.26
C CYS A 265 -14.47 1.91 9.48
N TRP A 266 -15.39 1.23 10.16
CA TRP A 266 -16.50 0.66 9.43
C TRP A 266 -17.90 1.28 9.56
N GLN A 267 -18.00 2.54 9.96
CA GLN A 267 -19.32 3.14 10.04
C GLN A 267 -19.82 3.16 8.61
N PHE A 268 -21.11 2.89 8.41
CA PHE A 268 -21.66 2.89 7.07
C PHE A 268 -21.62 4.30 6.51
N ASN A 269 -21.32 5.26 7.37
CA ASN A 269 -21.25 6.64 6.92
C ASN A 269 -19.85 7.20 7.00
N PRO A 270 -19.26 7.49 5.83
CA PRO A 270 -17.91 8.04 5.62
C PRO A 270 -17.55 9.23 6.51
N LYS A 271 -18.54 10.08 6.77
CA LYS A 271 -18.32 11.26 7.62
C LYS A 271 -18.02 10.87 9.07
N MET A 272 -18.04 9.56 9.33
CA MET A 272 -17.81 9.02 10.67
C MET A 272 -16.51 8.24 10.81
N ARG A 273 -15.76 8.11 9.73
CA ARG A 273 -14.49 7.39 9.77
C ARG A 273 -13.45 8.33 10.33
N PRO A 274 -12.55 7.84 11.20
CA PRO A 274 -11.57 8.80 11.69
C PRO A 274 -10.58 9.15 10.58
N THR A 275 -9.73 10.15 10.81
CA THR A 275 -8.72 10.51 9.83
C THR A 275 -7.47 9.78 10.27
N PHE A 276 -6.64 9.38 9.32
CA PHE A 276 -5.43 8.66 9.65
C PHE A 276 -4.65 9.39 10.75
N LEU A 277 -4.57 10.72 10.67
CA LEU A 277 -3.86 11.49 11.71
C LEU A 277 -4.54 11.21 13.06
N GLU A 278 -5.85 11.30 13.07
CA GLU A 278 -6.62 11.01 14.27
C GLU A 278 -6.30 9.58 14.73
N ILE A 279 -5.93 8.70 13.82
CA ILE A 279 -5.62 7.33 14.21
C ILE A 279 -4.24 7.23 14.86
N VAL A 280 -3.28 7.96 14.31
CA VAL A 280 -1.92 7.95 14.82
C VAL A 280 -1.91 8.52 16.22
N ASN A 281 -2.69 9.57 16.41
CA ASN A 281 -2.78 10.21 17.71
C ASN A 281 -3.18 9.14 18.74
N LEU A 282 -4.26 8.41 18.48
CA LEU A 282 -4.69 7.38 19.41
C LEU A 282 -3.60 6.34 19.70
N LEU A 283 -2.51 6.35 18.93
CA LEU A 283 -1.44 5.36 19.13
C LEU A 283 -0.03 5.88 19.40
N LYS A 284 0.16 7.19 19.39
CA LYS A 284 1.49 7.75 19.61
C LYS A 284 2.16 7.39 20.93
N ASP A 285 1.36 7.27 21.99
CA ASP A 285 1.90 6.95 23.32
C ASP A 285 2.32 5.50 23.53
N ASP A 286 2.25 4.68 22.48
CA ASP A 286 2.63 3.28 22.61
C ASP A 286 3.57 2.81 21.52
N LEU A 287 4.12 3.76 20.77
CA LEU A 287 5.04 3.44 19.69
C LEU A 287 6.51 3.26 20.09
N HIS A 288 7.38 3.28 19.08
CA HIS A 288 8.82 3.12 19.25
C HIS A 288 9.43 4.52 19.39
N PRO A 289 10.29 4.71 20.41
CA PRO A 289 10.94 5.98 20.65
C PRO A 289 11.52 6.65 19.40
N SER A 290 11.74 5.88 18.35
CA SER A 290 12.28 6.45 17.10
C SER A 290 11.21 7.17 16.25
N PHE A 291 10.01 6.59 16.22
CA PHE A 291 8.89 7.12 15.45
C PHE A 291 8.80 8.63 15.36
N PRO A 292 8.98 9.32 16.49
CA PRO A 292 8.90 10.79 16.47
C PRO A 292 9.77 11.51 15.44
N GLU A 293 10.99 11.04 15.24
CA GLU A 293 11.89 11.71 14.30
C GLU A 293 11.70 11.47 12.79
N VAL A 294 11.39 10.25 12.39
CA VAL A 294 11.16 9.93 10.98
C VAL A 294 9.72 10.18 10.61
N SER A 295 8.90 10.32 11.64
CA SER A 295 7.47 10.53 11.51
C SER A 295 7.05 11.58 10.48
N PHE A 296 5.74 11.82 10.45
CA PHE A 296 5.09 12.80 9.58
C PHE A 296 4.10 13.48 10.51
N PHE A 297 3.61 12.70 11.48
CA PHE A 297 2.68 13.21 12.48
C PHE A 297 3.45 14.23 13.29
N HIS A 298 4.78 14.14 13.24
CA HIS A 298 5.64 15.07 13.96
C HIS A 298 6.39 15.95 12.97
N SER A 299 6.38 15.51 11.71
CA SER A 299 7.03 16.28 10.67
C SER A 299 6.40 17.67 10.73
N GLU A 300 7.20 18.68 10.43
CA GLU A 300 6.72 20.07 10.45
C GLU A 300 5.58 20.22 9.42
N GLU A 301 5.74 19.56 8.27
CA GLU A 301 4.77 19.60 7.17
C GLU A 301 3.32 19.34 7.59
N ASN A 302 3.12 18.75 8.77
CA ASN A 302 1.78 18.48 9.26
C ASN A 302 1.13 19.78 9.72
N LYS A 303 0.65 20.55 8.74
CA LYS A 303 0.00 21.82 9.01
C LYS A 303 -1.51 21.62 9.15
N ASP B 1 -7.58 -10.73 -7.20
CA ASP B 1 -8.68 -10.21 -6.34
C ASP B 1 -9.01 -8.76 -6.66
N TYR B 2 -9.00 -8.47 -7.97
CA TYR B 2 -9.32 -7.14 -8.48
C TYR B 2 -10.47 -7.25 -9.52
N MET B 3 -11.51 -8.02 -9.17
CA MET B 3 -12.67 -8.24 -10.05
C MET B 3 -13.23 -7.00 -10.80
N ASN B 4 -13.36 -7.13 -12.13
CA ASN B 4 -13.88 -6.06 -12.99
C ASN B 4 -15.32 -5.77 -12.63
N MET B 5 -15.76 -4.52 -12.80
CA MET B 5 -17.16 -4.17 -12.51
C MET B 5 -17.46 -2.67 -12.55
N SER B 6 -18.64 -2.31 -12.04
CA SER B 6 -19.06 -0.91 -12.00
C SER B 6 -20.04 -0.65 -10.85
#